data_5GZP
#
_entry.id   5GZP
#
_cell.length_a   64.990
_cell.length_b   67.430
_cell.length_c   141.140
_cell.angle_alpha   90.00
_cell.angle_beta   90.00
_cell.angle_gamma   90.00
#
_symmetry.space_group_name_H-M   'P 21 21 21'
#
loop_
_entity.id
_entity.type
_entity.pdbx_description
1 polymer 'Triosephosphate isomerase'
2 non-polymer '2-PHOSPHOGLYCOLIC ACID'
3 non-polymer 1,2-ETHANEDIOL
4 water water
#
_entity_poly.entity_id   1
_entity_poly.type   'polypeptide(L)'
_entity_poly.pdbx_seq_one_letter_code
;MARKYFVAANWKCNGTLESIKSLTNSFNNLDFDPSKLDVVVFPVSVHYDHTRKLLQSKFSTGIQNVSKFGNGSCTGEVSA
EIAKDLNIEYVIIGHFERRKYFHETDEDVREKLQASLKNNLKAVVCFGESLEQREQNKTIEVITKQVKAFVDLIDNFDNV
ILVYEPLWAIGTGKTATPEQAQLVHKEIRKIVKDTCGEKQANQIRILYGGSVNTENCSSLIQQEDIDGFLVGNASLKESF
VDIIKSAM
;
_entity_poly.pdbx_strand_id   A,B
#
loop_
_chem_comp.id
_chem_comp.type
_chem_comp.name
_chem_comp.formula
EDO non-polymer 1,2-ETHANEDIOL 'C2 H6 O2'
PGA non-polymer '2-PHOSPHOGLYCOLIC ACID' 'C2 H5 O6 P'
#
# COMPACT_ATOMS: atom_id res chain seq x y z
N ALA A 2 31.39 0.78 18.92
CA ALA A 2 30.40 -0.06 19.68
C ALA A 2 29.11 -0.20 18.87
N ARG A 3 28.12 -0.91 19.42
CA ARG A 3 26.83 -1.10 18.73
C ARG A 3 25.92 0.12 18.82
N LYS A 4 25.48 0.60 17.69
CA LYS A 4 24.66 1.82 17.61
C LYS A 4 23.16 1.54 17.89
N TYR A 5 22.60 2.21 18.87
CA TYR A 5 21.19 2.03 19.18
C TYR A 5 20.23 2.59 18.05
N PHE A 6 18.96 2.16 18.01
CA PHE A 6 18.05 2.40 16.86
C PHE A 6 16.66 2.46 17.43
N VAL A 7 15.98 3.59 17.27
CA VAL A 7 14.64 3.71 17.77
C VAL A 7 13.76 4.03 16.58
N ALA A 8 12.72 3.23 16.35
CA ALA A 8 11.86 3.47 15.19
C ALA A 8 10.40 3.79 15.58
N ALA A 9 9.81 4.83 14.95
CA ALA A 9 8.37 5.09 15.01
C ALA A 9 7.70 4.44 13.78
N ASN A 10 6.61 3.71 14.05
CA ASN A 10 5.73 3.12 13.10
C ASN A 10 4.32 3.65 13.29
N TRP A 11 3.88 4.48 12.35
CA TRP A 11 2.56 5.14 12.36
C TRP A 11 1.59 4.34 11.55
N LYS A 12 0.89 3.42 12.20
CA LYS A 12 0.05 2.42 11.53
C LYS A 12 -1.39 2.97 11.22
N CYS A 13 -1.69 3.10 9.95
CA CYS A 13 -2.95 3.57 9.51
C CYS A 13 -3.38 4.81 10.25
N ASN A 14 -2.47 5.67 10.64
CA ASN A 14 -2.95 6.96 10.99
C ASN A 14 -2.04 8.17 10.86
N GLY A 15 -2.74 9.31 10.87
CA GLY A 15 -2.17 10.63 10.89
C GLY A 15 -3.08 11.47 10.04
N THR A 16 -2.92 12.78 10.17
CA THR A 16 -3.45 13.70 9.17
C THR A 16 -2.32 14.67 8.87
N LEU A 17 -2.49 15.49 7.84
CA LEU A 17 -1.48 16.46 7.53
C LEU A 17 -1.13 17.32 8.75
N GLU A 18 -2.16 17.68 9.48
CA GLU A 18 -1.99 18.57 10.65
C GLU A 18 -1.40 17.84 11.84
N SER A 19 -1.83 16.58 12.11
CA SER A 19 -1.27 15.84 13.19
C SER A 19 0.22 15.55 12.94
N ILE A 20 0.62 15.36 11.68
CA ILE A 20 2.00 15.06 11.42
C ILE A 20 2.80 16.34 11.59
N LYS A 21 2.23 17.46 11.17
CA LYS A 21 2.93 18.74 11.33
C LYS A 21 3.31 18.97 12.78
N SER A 22 2.35 18.85 13.66
CA SER A 22 2.58 19.10 15.11
C SER A 22 3.46 18.02 15.78
N LEU A 23 3.33 16.79 15.30
CA LEU A 23 4.12 15.74 15.87
C LEU A 23 5.55 15.82 15.43
N THR A 24 5.79 15.99 14.15
CA THR A 24 7.14 16.20 13.61
C THR A 24 7.85 17.40 14.21
N ASN A 25 7.13 18.48 14.36
CA ASN A 25 7.65 19.64 15.10
C ASN A 25 8.15 19.32 16.53
N SER A 26 7.32 18.67 17.31
CA SER A 26 7.79 18.22 18.62
C SER A 26 9.05 17.30 18.49
N PHE A 27 9.09 16.40 17.50
CA PHE A 27 10.25 15.50 17.34
C PHE A 27 11.52 16.34 17.01
N ASN A 28 11.35 17.28 16.08
CA ASN A 28 12.47 18.11 15.63
C ASN A 28 13.01 18.97 16.78
N ASN A 29 12.19 19.29 17.80
CA ASN A 29 12.78 19.95 18.99
C ASN A 29 13.75 19.13 19.79
N LEU A 30 13.85 17.80 19.60
CA LEU A 30 14.78 16.99 20.35
C LEU A 30 16.16 17.03 19.73
N ASP A 31 17.18 17.42 20.51
CA ASP A 31 18.55 17.42 20.00
C ASP A 31 19.16 16.11 20.21
N PHE A 32 19.50 15.40 19.15
CA PHE A 32 20.29 14.25 19.33
C PHE A 32 21.26 14.19 18.19
N ASP A 33 22.28 13.37 18.38
CA ASP A 33 23.28 13.18 17.33
C ASP A 33 23.02 11.94 16.48
N PRO A 34 22.71 12.16 15.20
CA PRO A 34 22.45 11.04 14.39
C PRO A 34 23.63 10.25 14.03
N SER A 35 24.86 10.70 14.31
CA SER A 35 26.00 9.75 14.11
C SER A 35 26.09 8.71 15.24
N LYS A 36 25.50 9.02 16.39
CA LYS A 36 25.55 8.14 17.57
C LYS A 36 24.27 7.27 17.74
N LEU A 37 23.12 7.76 17.26
CA LEU A 37 21.83 7.10 17.46
C LEU A 37 21.04 7.13 16.14
N ASP A 38 20.56 5.98 15.65
CA ASP A 38 19.60 5.93 14.51
C ASP A 38 18.15 6.11 15.03
N VAL A 39 17.43 7.09 14.43
CA VAL A 39 16.02 7.33 14.68
C VAL A 39 15.24 7.37 13.38
N VAL A 40 14.34 6.39 13.19
CA VAL A 40 13.68 6.20 11.90
C VAL A 40 12.15 6.32 12.11
N VAL A 41 11.49 7.03 11.22
CA VAL A 41 10.05 7.21 11.23
C VAL A 41 9.45 6.50 10.01
N PHE A 42 8.46 5.63 10.25
CA PHE A 42 7.81 4.90 9.19
C PHE A 42 6.33 5.29 9.11
N PRO A 43 5.97 6.28 8.28
CA PRO A 43 4.62 6.73 8.07
C PRO A 43 3.86 5.86 7.05
N VAL A 44 2.55 6.06 7.04
CA VAL A 44 1.69 5.54 5.96
C VAL A 44 2.31 6.00 4.62
N SER A 45 2.20 5.15 3.61
CA SER A 45 2.76 5.41 2.31
C SER A 45 2.45 6.78 1.73
N VAL A 46 1.17 7.16 1.67
CA VAL A 46 0.81 8.47 1.11
C VAL A 46 1.16 9.63 2.02
N HIS A 47 1.62 9.36 3.24
CA HIS A 47 2.20 10.42 4.05
C HIS A 47 3.75 10.47 4.00
N TYR A 48 4.39 9.57 3.26
CA TYR A 48 5.89 9.55 3.23
C TYR A 48 6.50 10.93 2.84
N ASP A 49 6.07 11.49 1.73
CA ASP A 49 6.60 12.75 1.29
C ASP A 49 6.44 13.92 2.27
N HIS A 50 5.26 14.06 2.83
CA HIS A 50 4.99 15.13 3.80
C HIS A 50 5.86 14.97 4.99
N THR A 51 5.92 13.73 5.48
CA THR A 51 6.66 13.41 6.68
C THR A 51 8.17 13.67 6.47
N ARG A 52 8.67 13.21 5.35
CA ARG A 52 10.08 13.39 5.05
C ARG A 52 10.39 14.89 4.90
N LYS A 53 9.50 15.67 4.28
CA LYS A 53 9.77 17.10 4.15
C LYS A 53 9.81 17.79 5.52
N LEU A 54 8.99 17.33 6.44
CA LEU A 54 8.84 17.95 7.76
C LEU A 54 9.88 17.52 8.76
N LEU A 55 10.26 16.26 8.73
CA LEU A 55 11.31 15.79 9.64
C LEU A 55 12.69 16.35 9.22
N GLN A 56 13.43 16.89 10.17
CA GLN A 56 14.85 17.21 9.94
C GLN A 56 15.70 16.02 9.57
N SER A 57 16.84 16.36 9.00
CA SER A 57 17.69 15.35 8.42
C SER A 57 18.22 14.32 9.44
N LYS A 58 18.21 14.71 10.70
CA LYS A 58 18.72 13.82 11.75
C LYS A 58 17.80 12.57 11.91
N PHE A 59 16.52 12.73 11.54
CA PHE A 59 15.62 11.58 11.36
C PHE A 59 15.79 10.90 10.02
N SER A 60 15.97 9.59 10.07
CA SER A 60 15.81 8.76 8.92
C SER A 60 14.31 8.41 8.71
N THR A 61 14.01 7.96 7.49
CA THR A 61 12.68 7.56 7.12
C THR A 61 12.64 6.30 6.29
N GLY A 62 11.44 5.69 6.26
CA GLY A 62 11.23 4.43 5.64
C GLY A 62 9.80 4.13 5.31
N ILE A 63 9.59 3.03 4.57
CA ILE A 63 8.23 2.55 4.33
C ILE A 63 7.91 1.28 5.04
N GLN A 64 6.63 1.01 5.15
CA GLN A 64 6.16 -0.05 6.00
C GLN A 64 6.09 -1.42 5.34
N ASN A 65 6.30 -1.45 4.04
CA ASN A 65 6.22 -2.69 3.28
C ASN A 65 6.89 -2.52 1.94
N VAL A 66 7.45 -3.61 1.42
CA VAL A 66 7.93 -3.61 0.06
C VAL A 66 7.50 -4.91 -0.61
N SER A 67 7.40 -4.93 -1.94
CA SER A 67 6.98 -6.14 -2.62
C SER A 67 8.17 -7.08 -2.85
N LYS A 68 7.86 -8.35 -3.13
CA LYS A 68 8.86 -9.33 -3.62
C LYS A 68 9.31 -8.85 -5.00
N PHE A 69 10.33 -9.47 -5.59
CA PHE A 69 10.64 -9.16 -7.02
C PHE A 69 9.38 -9.33 -7.88
N GLY A 70 9.20 -8.42 -8.82
C GLY A 70 7.68 -9.30 -10.73
N ASN A 71 6.68 -10.16 -10.58
CA ASN A 71 6.57 -11.37 -11.41
C ASN A 71 5.78 -11.01 -12.67
N GLY A 72 5.73 -9.72 -13.02
CA GLY A 72 4.95 -9.27 -14.16
C GLY A 72 3.49 -9.05 -13.87
N SER A 73 2.96 -9.54 -12.76
CA SER A 73 1.60 -9.16 -12.43
C SER A 73 1.62 -8.40 -11.07
N CYS A 74 1.38 -7.10 -11.19
CA CYS A 74 1.62 -6.15 -10.13
C CYS A 74 0.71 -6.43 -8.94
N THR A 75 1.28 -6.57 -7.76
CA THR A 75 0.49 -6.81 -6.54
C THR A 75 -0.08 -5.52 -5.88
N GLY A 76 0.28 -4.34 -6.39
CA GLY A 76 -0.15 -3.12 -5.78
C GLY A 76 0.74 -2.64 -4.63
N GLU A 77 1.72 -3.44 -4.26
CA GLU A 77 2.70 -3.07 -3.27
C GLU A 77 3.79 -2.20 -3.94
N VAL A 78 4.48 -1.38 -3.17
CA VAL A 78 5.57 -0.56 -3.71
C VAL A 78 6.74 -1.47 -3.92
N SER A 79 7.49 -1.30 -5.02
CA SER A 79 8.67 -2.17 -5.30
C SER A 79 9.90 -1.59 -4.65
N ALA A 80 10.90 -2.45 -4.44
CA ALA A 80 12.23 -1.98 -3.95
C ALA A 80 12.87 -0.93 -4.88
N GLU A 81 12.68 -1.14 -6.18
CA GLU A 81 13.16 -0.28 -7.23
C GLU A 81 12.60 1.13 -7.09
N ILE A 82 11.28 1.23 -6.86
CA ILE A 82 10.61 2.51 -6.71
C ILE A 82 11.11 3.18 -5.49
N ALA A 83 11.27 2.39 -4.44
CA ALA A 83 11.78 2.95 -3.18
C ALA A 83 13.18 3.51 -3.29
N LYS A 84 14.06 2.77 -3.95
CA LYS A 84 15.40 3.29 -4.15
C LYS A 84 15.35 4.56 -4.97
N ASP A 85 14.58 4.55 -6.04
CA ASP A 85 14.46 5.77 -6.90
C ASP A 85 13.97 6.95 -6.12
N LEU A 86 13.15 6.72 -5.06
CA LEU A 86 12.70 7.79 -4.19
C LEU A 86 13.66 8.12 -3.08
N ASN A 87 14.76 7.39 -2.99
CA ASN A 87 15.70 7.52 -1.87
C ASN A 87 15.07 7.22 -0.51
N ILE A 88 14.23 6.19 -0.47
CA ILE A 88 13.61 5.77 0.80
C ILE A 88 14.67 4.85 1.45
N GLU A 89 15.10 5.17 2.65
CA GLU A 89 16.30 4.58 3.23
C GLU A 89 16.01 3.20 3.78
N TYR A 90 14.85 3.02 4.40
CA TYR A 90 14.52 1.80 5.14
C TYR A 90 13.22 1.22 4.71
N VAL A 91 13.10 -0.10 4.92
CA VAL A 91 11.86 -0.83 4.71
C VAL A 91 11.59 -1.77 5.84
N ILE A 92 10.33 -1.91 6.21
CA ILE A 92 9.96 -2.91 7.18
C ILE A 92 9.56 -4.11 6.39
N ILE A 93 10.01 -5.27 6.88
CA ILE A 93 9.68 -6.57 6.31
C ILE A 93 9.24 -7.55 7.40
N GLY A 94 8.20 -8.32 7.12
CA GLY A 94 7.73 -9.35 8.07
C GLY A 94 6.90 -8.86 9.22
N HIS A 95 6.50 -7.59 9.17
CA HIS A 95 5.67 -7.06 10.21
C HIS A 95 4.35 -7.84 10.36
N PHE A 96 3.81 -7.85 11.60
CA PHE A 96 2.66 -8.71 11.93
C PHE A 96 1.45 -8.66 10.97
N GLU A 97 1.12 -7.50 10.40
CA GLU A 97 -0.14 -7.44 9.62
C GLU A 97 0.04 -8.15 8.30
N ARG A 98 1.26 -8.11 7.79
CA ARG A 98 1.53 -8.80 6.51
C ARG A 98 1.38 -10.31 6.67
N ARG A 99 1.91 -10.80 7.77
CA ARG A 99 1.89 -12.22 8.04
C ARG A 99 0.45 -12.64 8.35
N LYS A 100 -0.26 -11.85 9.15
CA LYS A 100 -1.65 -12.16 9.50
C LYS A 100 -2.65 -11.90 8.36
N TYR A 101 -2.69 -10.69 7.79
CA TYR A 101 -3.80 -10.37 6.88
C TYR A 101 -3.54 -10.85 5.47
N PHE A 102 -2.27 -10.91 5.10
CA PHE A 102 -1.92 -11.24 3.74
C PHE A 102 -1.13 -12.53 3.66
N HIS A 103 -1.04 -13.28 4.75
CA HIS A 103 -0.48 -14.64 4.66
C HIS A 103 0.95 -14.63 4.10
N GLU A 104 1.68 -13.60 4.47
CA GLU A 104 3.05 -13.46 4.05
C GLU A 104 3.87 -14.51 4.82
N THR A 105 4.62 -15.34 4.08
CA THR A 105 5.40 -16.44 4.68
C THR A 105 6.85 -16.05 4.90
N ASP A 106 7.55 -16.91 5.64
CA ASP A 106 9.01 -16.79 5.77
C ASP A 106 9.76 -16.76 4.44
N GLU A 107 9.35 -17.59 3.48
CA GLU A 107 9.96 -17.53 2.13
C GLU A 107 9.68 -16.14 1.49
N ASP A 108 8.48 -15.59 1.72
CA ASP A 108 8.17 -14.26 1.20
C ASP A 108 9.11 -13.25 1.85
N VAL A 109 9.31 -13.38 3.17
CA VAL A 109 10.20 -12.49 3.91
C VAL A 109 11.62 -12.57 3.38
N ARG A 110 12.11 -13.78 3.15
CA ARG A 110 13.44 -13.98 2.51
C ARG A 110 13.53 -13.25 1.17
N GLU A 111 12.50 -13.42 0.35
CA GLU A 111 12.51 -12.78 -0.97
C GLU A 111 12.47 -11.26 -0.89
N LYS A 112 11.70 -10.73 0.05
CA LYS A 112 11.61 -9.26 0.21
C LYS A 112 12.93 -8.73 0.66
N LEU A 113 13.63 -9.49 1.51
CA LEU A 113 14.94 -9.05 1.99
C LEU A 113 15.90 -9.09 0.81
N GLN A 114 15.83 -10.15 0.05
CA GLN A 114 16.69 -10.22 -1.17
C GLN A 114 16.43 -9.02 -2.12
N ALA A 115 15.16 -8.69 -2.32
CA ALA A 115 14.79 -7.56 -3.20
C ALA A 115 15.29 -6.26 -2.63
N SER A 116 15.26 -6.16 -1.30
CA SER A 116 15.61 -4.90 -0.69
C SER A 116 17.08 -4.70 -0.76
N LEU A 117 17.81 -5.73 -0.38
CA LEU A 117 19.27 -5.55 -0.44
C LEU A 117 19.77 -5.38 -1.87
N LYS A 118 19.20 -6.09 -2.83
CA LYS A 118 19.59 -5.88 -4.24
C LYS A 118 19.43 -4.37 -4.58
N ASN A 119 18.41 -3.69 -4.02
CA ASN A 119 18.25 -2.27 -4.30
C ASN A 119 18.79 -1.31 -3.31
N ASN A 120 19.75 -1.76 -2.52
CA ASN A 120 20.43 -0.88 -1.56
C ASN A 120 19.53 -0.31 -0.48
N LEU A 121 18.44 -0.98 -0.18
CA LEU A 121 17.55 -0.57 0.93
C LEU A 121 18.06 -1.26 2.24
N LYS A 122 17.93 -0.57 3.38
CA LYS A 122 18.21 -1.16 4.67
C LYS A 122 16.87 -1.72 5.22
N ALA A 123 16.91 -2.91 5.81
CA ALA A 123 15.71 -3.68 6.12
C ALA A 123 15.53 -3.86 7.63
N VAL A 124 14.32 -3.63 8.11
CA VAL A 124 13.95 -3.82 9.52
C VAL A 124 13.02 -5.04 9.48
N VAL A 125 13.57 -6.19 9.87
CA VAL A 125 12.92 -7.47 9.66
C VAL A 125 12.32 -8.00 11.01
N CYS A 126 11.01 -8.20 10.97
CA CYS A 126 10.25 -8.49 12.17
C CYS A 126 9.84 -9.93 12.21
N PHE A 127 9.68 -10.46 13.43
CA PHE A 127 9.25 -11.85 13.68
C PHE A 127 8.82 -11.94 15.14
N GLY A 128 8.15 -13.02 15.52
CA GLY A 128 7.76 -13.21 16.91
C GLY A 128 6.70 -14.26 17.03
N GLU A 129 6.57 -14.83 18.21
CA GLU A 129 5.58 -15.90 18.44
C GLU A 129 4.20 -15.39 18.89
N SER A 130 3.18 -16.21 18.67
CA SER A 130 1.84 -16.06 19.22
C SER A 130 1.70 -16.35 20.70
N LEU A 131 0.59 -15.87 21.26
CA LEU A 131 0.25 -16.26 22.63
C LEU A 131 0.17 -17.79 22.71
N GLU A 132 -0.47 -18.45 21.75
CA GLU A 132 -0.68 -19.92 21.83
C GLU A 132 0.71 -20.58 21.81
N GLN A 133 1.57 -20.10 20.93
CA GLN A 133 2.89 -20.71 20.77
C GLN A 133 3.67 -20.54 22.05
N ARG A 134 3.58 -19.36 22.65
CA ARG A 134 4.34 -19.18 23.85
C ARG A 134 3.71 -20.06 24.96
N GLU A 135 2.38 -20.18 25.04
CA GLU A 135 1.77 -20.95 26.13
C GLU A 135 2.11 -22.41 25.90
N GLN A 136 2.29 -22.80 24.66
CA GLN A 136 2.71 -24.16 24.36
C GLN A 136 4.21 -24.41 24.41
N ASN A 137 4.94 -23.56 25.14
CA ASN A 137 6.42 -23.59 25.22
C ASN A 137 7.18 -23.70 23.89
N LYS A 138 6.66 -23.09 22.81
CA LYS A 138 7.30 -23.16 21.48
C LYS A 138 8.07 -21.85 21.05
N THR A 139 8.20 -20.89 21.96
CA THR A 139 8.81 -19.59 21.61
C THR A 139 10.12 -19.69 20.83
N ILE A 140 11.09 -20.47 21.33
CA ILE A 140 12.42 -20.48 20.75
C ILE A 140 12.42 -21.21 19.43
N GLU A 141 11.69 -22.31 19.35
CA GLU A 141 11.52 -23.01 18.10
C GLU A 141 10.93 -22.11 17.01
N VAL A 142 9.84 -21.40 17.31
CA VAL A 142 9.19 -20.49 16.32
C VAL A 142 10.16 -19.39 15.84
N ILE A 143 10.78 -18.68 16.78
CA ILE A 143 11.72 -17.62 16.53
C ILE A 143 12.86 -18.11 15.64
N THR A 144 13.36 -19.29 15.97
CA THR A 144 14.50 -19.86 15.25
C THR A 144 14.15 -20.12 13.77
N LYS A 145 13.02 -20.73 13.49
CA LYS A 145 12.60 -20.99 12.13
C LYS A 145 12.48 -19.62 11.40
N GLN A 146 11.87 -18.65 12.07
CA GLN A 146 11.60 -17.35 11.41
C GLN A 146 12.90 -16.64 11.06
N VAL A 147 13.87 -16.66 11.97
CA VAL A 147 15.14 -15.93 11.77
C VAL A 147 16.05 -16.64 10.77
N LYS A 148 16.14 -17.96 10.89
CA LYS A 148 16.95 -18.77 9.95
C LYS A 148 16.38 -18.71 8.52
N ALA A 149 15.10 -18.39 8.35
CA ALA A 149 14.57 -18.12 6.99
C ALA A 149 15.33 -17.08 6.13
N PHE A 150 16.01 -16.12 6.73
CA PHE A 150 16.59 -15.03 5.96
C PHE A 150 17.92 -14.56 6.43
N VAL A 151 18.33 -14.95 7.64
CA VAL A 151 19.50 -14.30 8.28
C VAL A 151 20.81 -14.47 7.48
N ASP A 152 20.91 -15.60 6.77
CA ASP A 152 22.10 -15.91 5.98
C ASP A 152 22.32 -14.90 4.86
N LEU A 153 21.25 -14.25 4.38
CA LEU A 153 21.36 -13.21 3.33
C LEU A 153 21.98 -11.93 3.77
N ILE A 154 22.11 -11.76 5.08
CA ILE A 154 22.62 -10.50 5.54
C ILE A 154 24.08 -10.37 5.17
N ASP A 155 24.45 -9.18 4.71
CA ASP A 155 25.77 -8.88 4.20
C ASP A 155 26.49 -7.81 5.01
N ASN A 156 25.91 -6.62 5.10
CA ASN A 156 26.44 -5.58 5.90
C ASN A 156 25.49 -5.50 7.12
N PHE A 157 26.07 -5.78 8.28
CA PHE A 157 25.34 -5.99 9.55
C PHE A 157 24.99 -4.70 10.28
N ASP A 158 25.24 -3.59 9.62
CA ASP A 158 24.63 -2.33 9.99
C ASP A 158 23.27 -2.09 9.25
N ASN A 159 23.05 -2.76 8.14
CA ASN A 159 21.96 -2.41 7.24
C ASN A 159 20.70 -3.29 7.36
N VAL A 160 20.81 -4.35 8.15
CA VAL A 160 19.66 -5.16 8.51
C VAL A 160 19.58 -5.11 10.02
N ILE A 161 18.35 -4.80 10.47
CA ILE A 161 17.97 -4.68 11.84
C ILE A 161 16.85 -5.69 12.11
N LEU A 162 17.03 -6.47 13.18
CA LEU A 162 16.10 -7.53 13.56
C LEU A 162 15.21 -6.95 14.65
N VAL A 163 13.95 -7.37 14.61
CA VAL A 163 12.95 -6.89 15.55
C VAL A 163 12.13 -8.08 16.07
N TYR A 164 12.24 -8.30 17.39
CA TYR A 164 11.43 -9.27 18.10
C TYR A 164 10.19 -8.57 18.61
N GLU A 165 9.04 -8.91 18.01
CA GLU A 165 7.77 -8.43 18.52
C GLU A 165 6.87 -9.61 18.80
N PRO A 166 6.79 -10.03 20.05
CA PRO A 166 5.81 -11.06 20.28
C PRO A 166 4.41 -10.53 19.94
N LEU A 167 3.61 -11.34 19.27
CA LEU A 167 2.37 -10.92 18.67
C LEU A 167 1.41 -10.47 19.75
N TRP A 168 1.52 -11.04 20.96
CA TRP A 168 0.59 -10.75 22.07
C TRP A 168 0.92 -9.41 22.68
N ALA A 169 2.07 -8.84 22.33
CA ALA A 169 2.45 -7.54 22.87
C ALA A 169 2.18 -6.38 21.94
N ILE A 170 1.84 -6.66 20.73
CA ILE A 170 1.74 -5.61 19.76
C ILE A 170 0.36 -4.97 19.83
N GLY A 171 0.33 -3.70 20.14
CA GLY A 171 -0.95 -2.98 20.11
C GLY A 171 -1.83 -3.26 21.35
N THR A 172 -1.41 -4.17 22.21
CA THR A 172 -2.28 -4.63 23.33
C THR A 172 -2.08 -3.92 24.67
N GLY A 173 -0.92 -3.31 24.82
CA GLY A 173 -0.50 -2.77 26.08
C GLY A 173 0.23 -3.84 26.91
N LYS A 174 0.22 -5.06 26.46
CA LYS A 174 0.73 -6.19 27.27
C LYS A 174 2.21 -6.44 26.95
N THR A 175 3.04 -5.56 27.45
CA THR A 175 4.44 -5.59 27.04
C THR A 175 5.23 -6.74 27.66
N ALA A 176 6.19 -7.26 26.93
CA ALA A 176 7.11 -8.28 27.49
C ALA A 176 7.90 -7.69 28.60
N THR A 177 8.20 -8.50 29.64
CA THR A 177 9.11 -8.01 30.68
C THR A 177 10.54 -7.90 30.08
N PRO A 178 11.43 -7.15 30.75
CA PRO A 178 12.78 -7.11 30.28
C PRO A 178 13.42 -8.43 30.13
N GLU A 179 13.08 -9.34 31.05
CA GLU A 179 13.71 -10.62 31.09
C GLU A 179 13.12 -11.52 30.02
N GLN A 180 11.81 -11.44 29.78
CA GLN A 180 11.24 -12.19 28.66
C GLN A 180 11.95 -11.85 27.35
N ALA A 181 12.09 -10.57 27.08
CA ALA A 181 12.67 -10.09 25.81
C ALA A 181 14.16 -10.43 25.81
N GLN A 182 14.87 -10.07 26.87
CA GLN A 182 16.30 -10.37 26.92
C GLN A 182 16.63 -11.79 26.57
N LEU A 183 15.83 -12.74 27.07
CA LEU A 183 16.14 -14.15 26.86
C LEU A 183 16.00 -14.50 25.41
N VAL A 184 15.01 -13.89 24.76
CA VAL A 184 14.86 -14.16 23.35
C VAL A 184 16.00 -13.50 22.55
N HIS A 185 16.35 -12.30 22.95
CA HIS A 185 17.32 -11.56 22.21
C HIS A 185 18.69 -12.25 22.21
N LYS A 186 19.08 -12.78 23.36
CA LYS A 186 20.29 -13.60 23.48
C LYS A 186 20.28 -14.81 22.49
N GLU A 187 19.18 -15.51 22.44
CA GLU A 187 19.04 -16.63 21.54
C GLU A 187 19.03 -16.15 20.09
N ILE A 188 18.44 -15.00 19.81
CA ILE A 188 18.51 -14.53 18.44
C ILE A 188 19.96 -14.28 18.07
N ARG A 189 20.67 -13.54 18.92
CA ARG A 189 22.04 -13.16 18.64
C ARG A 189 22.97 -14.38 18.44
N LYS A 190 22.65 -15.47 19.15
CA LYS A 190 23.36 -16.71 19.00
C LYS A 190 23.10 -17.36 17.66
N ILE A 191 21.85 -17.32 17.17
CA ILE A 191 21.54 -17.77 15.82
C ILE A 191 22.40 -17.01 14.82
N VAL A 192 22.46 -15.70 15.01
CA VAL A 192 23.28 -14.90 14.16
C VAL A 192 24.80 -15.26 14.28
N LYS A 193 25.34 -15.36 15.48
CA LYS A 193 26.74 -15.82 15.70
C LYS A 193 27.00 -17.14 14.99
N ASP A 194 26.15 -18.13 15.20
CA ASP A 194 26.31 -19.45 14.60
C ASP A 194 26.16 -19.48 13.07
N THR A 195 25.31 -18.65 12.47
CA THR A 195 25.07 -18.75 11.03
C THR A 195 25.92 -17.72 10.25
N CYS A 196 26.29 -16.61 10.87
CA CYS A 196 26.90 -15.48 10.17
C CYS A 196 28.27 -15.07 10.69
N GLY A 197 28.61 -15.50 11.89
CA GLY A 197 29.86 -15.07 12.53
C GLY A 197 29.70 -14.24 13.78
N GLU A 198 30.66 -14.40 14.67
CA GLU A 198 30.66 -13.80 15.99
C GLU A 198 30.75 -12.28 15.86
N LYS A 199 31.60 -11.77 14.97
CA LYS A 199 31.73 -10.30 14.82
C LYS A 199 30.42 -9.66 14.30
N GLN A 200 29.78 -10.40 13.41
CA GLN A 200 28.58 -9.96 12.75
C GLN A 200 27.44 -9.92 13.81
N ALA A 201 27.35 -10.97 14.60
CA ALA A 201 26.38 -11.05 15.67
C ALA A 201 26.56 -9.94 16.66
N ASN A 202 27.80 -9.56 16.98
CA ASN A 202 28.00 -8.45 17.88
C ASN A 202 27.72 -7.11 17.29
N GLN A 203 27.70 -7.00 15.97
CA GLN A 203 27.36 -5.72 15.23
C GLN A 203 25.80 -5.52 15.02
N ILE A 204 25.07 -6.56 14.65
CA ILE A 204 23.64 -6.45 14.24
C ILE A 204 22.82 -5.85 15.36
N ARG A 205 21.83 -5.03 15.03
CA ARG A 205 20.96 -4.49 16.09
C ARG A 205 19.78 -5.42 16.18
N ILE A 206 19.34 -5.68 17.40
CA ILE A 206 18.17 -6.53 17.64
C ILE A 206 17.30 -5.66 18.51
N LEU A 207 16.16 -5.29 17.97
CA LEU A 207 15.25 -4.44 18.65
C LEU A 207 14.12 -5.24 19.24
N TYR A 208 13.50 -4.68 20.26
CA TYR A 208 12.26 -5.21 20.84
C TYR A 208 11.10 -4.28 20.43
N GLY A 209 9.96 -4.87 20.12
CA GLY A 209 8.76 -4.07 19.87
C GLY A 209 7.52 -4.79 20.44
N GLY A 210 6.49 -4.04 20.84
CA GLY A 210 5.30 -4.65 21.48
C GLY A 210 4.95 -3.82 22.69
N SER A 211 4.18 -2.75 22.47
CA SER A 211 3.84 -1.86 23.56
C SER A 211 4.97 -1.27 24.40
N VAL A 212 6.04 -0.83 23.72
CA VAL A 212 7.03 -0.02 24.34
C VAL A 212 6.40 1.34 24.64
N ASN A 213 6.71 1.89 25.82
CA ASN A 213 6.14 3.17 26.20
C ASN A 213 7.17 3.95 27.03
N THR A 214 6.82 5.15 27.44
CA THR A 214 7.73 6.02 28.18
C THR A 214 8.07 5.40 29.57
N GLU A 215 7.16 4.60 30.14
CA GLU A 215 7.30 3.96 31.50
C GLU A 215 8.20 2.74 31.47
N ASN A 216 8.16 1.95 30.40
CA ASN A 216 8.94 0.76 30.29
C ASN A 216 10.22 0.78 29.46
N CYS A 217 10.52 1.86 28.73
CA CYS A 217 11.57 1.77 27.70
C CYS A 217 12.97 1.68 28.28
N SER A 218 13.23 2.43 29.35
CA SER A 218 14.54 2.36 30.11
C SER A 218 14.92 0.99 30.60
N SER A 219 13.99 0.28 31.24
CA SER A 219 14.28 -1.07 31.69
C SER A 219 14.44 -2.06 30.52
N LEU A 220 13.83 -1.80 29.39
CA LEU A 220 14.08 -2.67 28.27
C LEU A 220 15.45 -2.46 27.64
N ILE A 221 15.81 -1.20 27.32
CA ILE A 221 17.09 -0.85 26.64
C ILE A 221 18.36 -1.20 27.45
N GLN A 222 18.18 -1.17 28.75
CA GLN A 222 19.25 -1.57 29.70
C GLN A 222 19.66 -3.00 29.47
N GLN A 223 18.79 -3.85 28.98
CA GLN A 223 19.18 -5.25 28.85
C GLN A 223 20.24 -5.32 27.76
N GLU A 224 21.19 -6.28 27.91
CA GLU A 224 22.42 -6.35 27.11
C GLU A 224 22.16 -6.61 25.65
N ASP A 225 21.20 -7.47 25.34
CA ASP A 225 20.94 -7.77 23.95
C ASP A 225 19.73 -7.05 23.28
N ILE A 226 19.14 -6.10 23.96
CA ILE A 226 18.16 -5.19 23.38
C ILE A 226 18.80 -3.87 22.95
N ASP A 227 18.76 -3.56 21.65
CA ASP A 227 19.52 -2.45 21.07
C ASP A 227 18.66 -1.25 20.65
N GLY A 228 17.38 -1.31 21.03
CA GLY A 228 16.41 -0.32 20.62
C GLY A 228 15.02 -0.86 20.48
N PHE A 229 14.22 -0.15 19.69
CA PHE A 229 12.78 -0.40 19.71
C PHE A 229 12.11 -0.14 18.36
N LEU A 230 11.05 -0.89 18.06
CA LEU A 230 10.11 -0.46 17.10
C LEU A 230 8.83 -0.13 17.84
N VAL A 231 8.39 1.13 17.74
CA VAL A 231 7.36 1.67 18.62
C VAL A 231 6.12 2.08 17.78
N GLY A 232 4.96 1.47 18.05
CA GLY A 232 3.68 1.84 17.37
C GLY A 232 2.92 2.96 18.05
N ASN A 233 2.01 2.57 18.95
CA ASN A 233 1.08 3.53 19.59
C ASN A 233 1.76 4.64 20.34
N ALA A 234 2.80 4.32 21.07
CA ALA A 234 3.58 5.39 21.71
C ALA A 234 4.28 6.38 20.81
N SER A 235 4.53 6.04 19.55
CA SER A 235 5.26 6.91 18.63
C SER A 235 4.29 7.93 17.99
N LEU A 236 3.01 7.85 18.31
CA LEU A 236 2.04 8.89 17.83
C LEU A 236 1.89 10.11 18.79
N LYS A 237 2.56 10.04 19.91
CA LYS A 237 2.56 11.09 20.91
C LYS A 237 3.84 11.90 20.93
N GLU A 238 3.71 13.14 21.34
CA GLU A 238 4.88 14.00 21.48
C GLU A 238 5.83 13.45 22.53
N SER A 239 5.31 12.72 23.52
CA SER A 239 6.23 12.10 24.47
C SER A 239 7.14 10.99 23.89
N PHE A 240 7.01 10.61 22.61
CA PHE A 240 7.95 9.70 22.01
C PHE A 240 9.37 10.19 22.13
N VAL A 241 9.56 11.49 22.22
CA VAL A 241 10.93 11.97 22.42
C VAL A 241 11.60 11.34 23.64
N ASP A 242 10.82 10.93 24.64
CA ASP A 242 11.39 10.45 25.87
C ASP A 242 11.83 9.03 25.65
N ILE A 243 11.18 8.33 24.75
CA ILE A 243 11.62 6.99 24.37
C ILE A 243 12.95 7.10 23.63
N ILE A 244 13.05 8.06 22.73
CA ILE A 244 14.34 8.26 21.99
C ILE A 244 15.42 8.59 23.06
N LYS A 245 15.09 9.47 24.00
CA LYS A 245 16.06 9.79 25.06
C LYS A 245 16.55 8.59 25.90
N SER A 246 15.73 7.58 26.14
CA SER A 246 16.19 6.37 26.87
C SER A 246 17.30 5.69 26.14
N ALA A 247 17.42 5.95 24.84
CA ALA A 247 18.49 5.32 24.07
C ALA A 247 19.67 6.25 23.80
N MET A 248 19.68 7.45 24.37
CA MET A 248 20.76 8.40 24.09
C MET A 248 21.84 8.29 25.18
N ALA B 2 -25.24 13.35 -23.03
CA ALA B 2 -25.71 13.59 -21.63
C ALA B 2 -24.64 13.24 -20.57
N ARG B 3 -24.24 11.97 -20.47
CA ARG B 3 -23.23 11.64 -19.42
C ARG B 3 -21.81 11.87 -19.91
N LYS B 4 -21.03 12.31 -18.94
CA LYS B 4 -19.69 12.73 -19.14
C LYS B 4 -18.81 11.47 -19.24
N TYR B 5 -18.00 11.40 -20.28
CA TYR B 5 -17.02 10.34 -20.41
C TYR B 5 -15.88 10.46 -19.34
N PHE B 6 -15.20 9.32 -19.13
CA PHE B 6 -14.24 9.18 -18.07
C PHE B 6 -13.12 8.33 -18.59
N VAL B 7 -11.91 8.88 -18.62
CA VAL B 7 -10.72 8.11 -19.04
C VAL B 7 -9.68 8.10 -17.94
N ALA B 8 -9.25 6.90 -17.56
CA ALA B 8 -8.32 6.76 -16.44
C ALA B 8 -7.07 5.95 -16.75
N ALA B 9 -5.95 6.50 -16.29
CA ALA B 9 -4.65 5.88 -16.33
C ALA B 9 -4.38 5.15 -14.99
N ASN B 10 -3.96 3.90 -15.10
CA ASN B 10 -3.64 3.13 -13.96
C ASN B 10 -2.22 2.69 -14.11
N TRP B 11 -1.33 3.28 -13.33
CA TRP B 11 0.11 3.06 -13.43
C TRP B 11 0.57 2.03 -12.40
N LYS B 12 0.69 0.80 -12.84
CA LYS B 12 0.67 -0.33 -11.89
C LYS B 12 2.12 -0.78 -11.56
N CYS B 13 2.54 -0.59 -10.33
CA CYS B 13 3.91 -0.92 -9.93
C CYS B 13 4.95 -0.37 -10.87
N ASN B 14 4.69 0.82 -11.42
CA ASN B 14 5.49 1.39 -12.46
C ASN B 14 5.79 2.86 -12.29
N GLY B 15 7.07 3.24 -12.53
CA GLY B 15 7.46 4.60 -12.63
C GLY B 15 8.72 4.89 -11.85
N THR B 16 9.40 5.94 -12.29
CA THR B 16 10.44 6.61 -11.55
C THR B 16 10.11 8.07 -11.50
N LEU B 17 10.81 8.85 -10.69
CA LEU B 17 10.58 10.28 -10.62
C LEU B 17 10.71 10.93 -12.01
N GLU B 18 11.70 10.48 -12.77
CA GLU B 18 11.94 11.05 -14.07
C GLU B 18 10.94 10.63 -15.07
N SER B 19 10.57 9.35 -15.09
CA SER B 19 9.65 8.92 -16.10
C SER B 19 8.31 9.56 -15.86
N ILE B 20 7.96 9.82 -14.64
CA ILE B 20 6.67 10.44 -14.36
C ILE B 20 6.75 11.87 -14.86
N LYS B 21 7.87 12.52 -14.59
CA LYS B 21 8.03 13.88 -15.00
C LYS B 21 7.82 14.05 -16.49
N SER B 22 8.51 13.21 -17.24
CA SER B 22 8.39 13.22 -18.71
C SER B 22 6.96 12.89 -19.21
N LEU B 23 6.33 11.86 -18.64
CA LEU B 23 4.99 11.45 -19.02
C LEU B 23 3.91 12.48 -18.64
N THR B 24 3.98 13.03 -17.44
CA THR B 24 3.07 14.05 -17.05
C THR B 24 3.17 15.26 -17.96
N ASN B 25 4.39 15.61 -18.33
CA ASN B 25 4.56 16.80 -19.18
C ASN B 25 3.86 16.55 -20.53
N SER B 26 4.04 15.36 -21.09
CA SER B 26 3.38 15.06 -22.33
C SER B 26 1.86 15.08 -22.17
N PHE B 27 1.33 14.54 -21.09
CA PHE B 27 -0.15 14.57 -20.85
C PHE B 27 -0.63 16.02 -20.72
N ASN B 28 0.13 16.84 -20.01
CA ASN B 28 -0.20 18.22 -19.81
C ASN B 28 -0.31 18.99 -21.16
N ASN B 29 0.41 18.51 -22.18
CA ASN B 29 0.39 19.21 -23.48
C ASN B 29 -0.90 19.00 -24.23
N LEU B 30 -1.77 18.09 -23.79
CA LEU B 30 -3.09 17.93 -24.43
C LEU B 30 -4.09 18.90 -23.84
N ASP B 31 -4.71 19.71 -24.69
CA ASP B 31 -5.83 20.53 -24.23
C ASP B 31 -7.12 19.80 -24.28
N PHE B 32 -7.74 19.65 -23.13
CA PHE B 32 -9.10 19.19 -23.12
C PHE B 32 -9.80 19.98 -22.07
N ASP B 33 -11.11 19.98 -22.12
CA ASP B 33 -11.92 20.69 -21.17
C ASP B 33 -12.40 19.77 -20.10
N PRO B 34 -11.91 19.95 -18.87
CA PRO B 34 -12.36 19.08 -17.78
C PRO B 34 -13.81 19.21 -17.31
N SER B 35 -14.51 20.25 -17.75
CA SER B 35 -15.93 20.29 -17.43
C SER B 35 -16.68 19.33 -18.37
N LYS B 36 -16.04 18.92 -19.48
CA LYS B 36 -16.68 18.06 -20.47
C LYS B 36 -16.28 16.58 -20.33
N LEU B 37 -15.01 16.34 -19.99
CA LEU B 37 -14.36 15.01 -19.91
C LEU B 37 -13.62 14.85 -18.59
N ASP B 38 -13.84 13.78 -17.82
CA ASP B 38 -12.99 13.48 -16.65
C ASP B 38 -11.77 12.64 -17.08
N VAL B 39 -10.56 13.06 -16.70
CA VAL B 39 -9.37 12.27 -16.98
C VAL B 39 -8.63 12.12 -15.65
N VAL B 40 -8.43 10.88 -15.24
CA VAL B 40 -7.93 10.61 -13.91
C VAL B 40 -6.68 9.75 -14.00
N VAL B 41 -5.69 10.03 -13.15
CA VAL B 41 -4.45 9.28 -13.11
C VAL B 41 -4.31 8.67 -11.74
N PHE B 42 -4.03 7.36 -11.72
CA PHE B 42 -3.92 6.55 -10.52
C PHE B 42 -2.49 6.04 -10.43
N PRO B 43 -1.60 6.84 -9.78
CA PRO B 43 -0.25 6.39 -9.60
C PRO B 43 -0.05 5.42 -8.42
N VAL B 44 1.14 4.80 -8.35
CA VAL B 44 1.60 4.11 -7.15
C VAL B 44 1.47 5.09 -5.95
N SER B 45 1.07 4.57 -4.80
CA SER B 45 0.87 5.36 -3.56
C SER B 45 2.02 6.38 -3.28
N VAL B 46 3.28 5.91 -3.23
CA VAL B 46 4.35 6.78 -2.91
C VAL B 46 4.67 7.77 -4.04
N HIS B 47 4.05 7.64 -5.21
CA HIS B 47 4.22 8.58 -6.28
C HIS B 47 3.05 9.52 -6.38
N TYR B 48 2.08 9.41 -5.48
CA TYR B 48 0.91 10.24 -5.57
C TYR B 48 1.22 11.74 -5.51
N ASP B 49 2.00 12.16 -4.51
CA ASP B 49 2.25 13.58 -4.36
CA ASP B 49 2.28 13.57 -4.37
C ASP B 49 3.06 14.15 -5.56
N HIS B 50 4.11 13.46 -6.00
CA HIS B 50 4.91 13.87 -7.20
C HIS B 50 4.01 14.02 -8.41
N THR B 51 3.14 13.03 -8.56
CA THR B 51 2.29 13.00 -9.66
C THR B 51 1.24 14.10 -9.63
N ARG B 52 0.59 14.32 -8.49
CA ARG B 52 -0.38 15.42 -8.41
C ARG B 52 0.29 16.78 -8.63
N LYS B 53 1.50 16.92 -8.12
CA LYS B 53 2.21 18.18 -8.21
C LYS B 53 2.53 18.47 -9.67
N LEU B 54 2.85 17.43 -10.46
CA LEU B 54 3.19 17.65 -11.86
C LEU B 54 2.02 17.80 -12.81
N LEU B 55 0.93 17.12 -12.54
CA LEU B 55 -0.23 17.17 -13.47
C LEU B 55 -0.97 18.44 -13.24
N GLN B 56 -1.36 19.10 -14.34
CA GLN B 56 -2.21 20.29 -14.31
C GLN B 56 -3.59 19.99 -13.73
N SER B 57 -4.24 21.05 -13.19
CA SER B 57 -5.54 20.93 -12.52
C SER B 57 -6.60 20.28 -13.37
N LYS B 58 -6.51 20.35 -14.72
CA LYS B 58 -7.50 19.60 -15.58
C LYS B 58 -7.55 18.07 -15.31
N PHE B 59 -6.43 17.50 -14.86
CA PHE B 59 -6.37 16.07 -14.55
C PHE B 59 -6.86 15.81 -13.12
N SER B 60 -7.70 14.80 -12.92
CA SER B 60 -7.99 14.34 -11.57
C SER B 60 -6.98 13.26 -11.18
N THR B 61 -6.87 12.98 -9.89
CA THR B 61 -5.96 11.95 -9.40
C THR B 61 -6.60 11.07 -8.37
N GLY B 62 -6.05 9.87 -8.16
CA GLY B 62 -6.64 8.95 -7.23
C GLY B 62 -5.61 7.95 -6.76
N ILE B 63 -5.99 7.07 -5.86
CA ILE B 63 -5.08 6.00 -5.41
C ILE B 63 -5.75 4.69 -5.74
N GLN B 64 -4.96 3.65 -5.67
CA GLN B 64 -5.29 2.33 -6.26
C GLN B 64 -6.02 1.39 -5.36
N ASN B 65 -6.17 1.76 -4.07
CA ASN B 65 -6.81 0.89 -3.09
C ASN B 65 -7.06 1.72 -1.86
N VAL B 66 -8.07 1.29 -1.09
CA VAL B 66 -8.43 1.87 0.17
C VAL B 66 -8.78 0.70 1.11
N SER B 67 -8.62 0.84 2.44
CA SER B 67 -8.96 -0.23 3.38
C SER B 67 -10.46 -0.27 3.64
N LYS B 68 -10.94 -1.41 4.18
CA LYS B 68 -12.26 -1.49 4.84
C LYS B 68 -12.31 -0.53 6.06
N PHE B 69 -13.50 -0.32 6.64
CA PHE B 69 -13.70 0.51 7.84
C GLY B 70 -11.85 0.26 12.07
N ASN B 71 -11.25 -0.92 12.16
CA ASN B 71 -11.48 -1.84 13.30
C ASN B 71 -10.31 -1.89 14.31
N GLY B 72 -9.38 -0.92 14.18
CA GLY B 72 -8.22 -0.79 15.08
C GLY B 72 -7.01 -1.55 14.58
N SER B 73 -7.21 -2.83 14.25
CA SER B 73 -6.15 -3.66 13.69
C SER B 73 -5.82 -3.22 12.20
N CYS B 74 -4.67 -2.59 12.04
CA CYS B 74 -4.29 -1.95 10.84
C CYS B 74 -3.73 -2.96 9.84
N THR B 75 -4.29 -2.98 8.65
CA THR B 75 -3.89 -3.89 7.60
C THR B 75 -2.73 -3.31 6.80
N GLY B 76 -2.32 -2.07 7.12
CA GLY B 76 -1.30 -1.35 6.32
C GLY B 76 -1.78 -0.74 4.99
N GLU B 77 -3.08 -0.85 4.68
CA GLU B 77 -3.67 -0.12 3.53
C GLU B 77 -3.98 1.32 3.96
N VAL B 78 -4.12 2.22 3.00
CA VAL B 78 -4.47 3.59 3.23
C VAL B 78 -5.94 3.61 3.54
N SER B 79 -6.30 4.35 4.58
CA SER B 79 -7.70 4.47 4.99
C SER B 79 -8.42 5.51 4.20
N ALA B 80 -9.74 5.40 4.13
CA ALA B 80 -10.46 6.46 3.45
C ALA B 80 -10.35 7.80 4.12
N GLU B 81 -10.26 7.80 5.45
CA GLU B 81 -10.09 9.06 6.21
C GLU B 81 -8.77 9.75 5.77
N ILE B 82 -7.71 8.97 5.66
CA ILE B 82 -6.39 9.54 5.27
C ILE B 82 -6.49 10.10 3.86
N ALA B 83 -7.18 9.39 2.99
CA ALA B 83 -7.29 9.84 1.62
C ALA B 83 -8.06 11.15 1.53
N LYS B 84 -9.15 11.28 2.30
CA LYS B 84 -9.95 12.53 2.31
C LYS B 84 -9.09 13.69 2.82
N ASP B 85 -8.40 13.47 3.93
CA ASP B 85 -7.58 14.54 4.50
C ASP B 85 -6.49 15.03 3.55
N LEU B 86 -6.03 14.18 2.66
CA LEU B 86 -5.00 14.52 1.68
C LEU B 86 -5.66 15.03 0.44
N ASN B 87 -6.96 15.12 0.43
CA ASN B 87 -7.75 15.53 -0.75
C ASN B 87 -7.58 14.69 -1.99
N ILE B 88 -7.52 13.38 -1.77
CA ILE B 88 -7.42 12.45 -2.83
C ILE B 88 -8.85 12.26 -3.36
N GLU B 89 -9.06 12.58 -4.62
CA GLU B 89 -10.42 12.60 -5.11
C GLU B 89 -10.99 11.22 -5.39
N TYR B 90 -10.21 10.30 -5.98
CA TYR B 90 -10.73 9.00 -6.38
C TYR B 90 -9.99 7.86 -5.77
N VAL B 91 -10.72 6.76 -5.58
CA VAL B 91 -10.10 5.48 -5.24
C VAL B 91 -10.60 4.38 -6.14
N ILE B 92 -9.71 3.43 -6.45
CA ILE B 92 -10.10 2.20 -7.10
C ILE B 92 -10.44 1.13 -6.06
N ILE B 93 -11.50 0.40 -6.36
CA ILE B 93 -11.94 -0.73 -5.52
C ILE B 93 -12.24 -1.92 -6.37
N GLY B 94 -11.85 -3.09 -5.90
CA GLY B 94 -12.13 -4.37 -6.50
C GLY B 94 -11.33 -4.78 -7.71
N HIS B 95 -10.22 -4.10 -7.91
CA HIS B 95 -9.40 -4.36 -9.04
C HIS B 95 -8.76 -5.76 -8.97
N PHE B 96 -8.47 -6.36 -10.13
CA PHE B 96 -8.01 -7.76 -10.26
C PHE B 96 -7.02 -8.18 -9.19
N GLU B 97 -5.96 -7.40 -8.96
CA GLU B 97 -4.86 -7.85 -8.07
C GLU B 97 -5.33 -7.96 -6.62
N ARG B 98 -6.29 -7.12 -6.21
CA ARG B 98 -6.77 -7.26 -4.84
C ARG B 98 -7.50 -8.58 -4.68
N ARG B 99 -8.36 -8.87 -5.64
CA ARG B 99 -9.07 -10.14 -5.65
C ARG B 99 -8.14 -11.37 -5.87
N LYS B 100 -7.12 -11.26 -6.72
CA LYS B 100 -6.29 -12.44 -7.02
C LYS B 100 -5.27 -12.70 -5.92
N TYR B 101 -4.50 -11.72 -5.52
CA TYR B 101 -3.45 -11.93 -4.55
C TYR B 101 -3.88 -11.82 -3.12
N PHE B 102 -4.78 -10.90 -2.83
CA PHE B 102 -5.12 -10.58 -1.47
C PHE B 102 -6.49 -11.21 -1.15
N HIS B 103 -7.00 -12.08 -2.03
CA HIS B 103 -8.30 -12.74 -1.82
C HIS B 103 -9.44 -11.79 -1.38
N GLU B 104 -9.48 -10.57 -1.91
CA GLU B 104 -10.55 -9.63 -1.59
C GLU B 104 -11.91 -10.15 -2.12
N THR B 105 -12.95 -10.00 -1.32
CA THR B 105 -14.26 -10.56 -1.69
C THR B 105 -15.20 -9.48 -2.13
N ASP B 106 -16.37 -9.90 -2.60
CA ASP B 106 -17.45 -8.99 -2.92
C ASP B 106 -17.95 -8.22 -1.68
N GLU B 107 -17.92 -8.90 -0.55
CA GLU B 107 -18.28 -8.32 0.74
C GLU B 107 -17.25 -7.21 1.15
N ASP B 108 -15.97 -7.50 0.95
CA ASP B 108 -14.92 -6.49 1.14
C ASP B 108 -15.18 -5.30 0.22
N VAL B 109 -15.47 -5.58 -1.07
CA VAL B 109 -15.71 -4.52 -2.04
C VAL B 109 -16.83 -3.62 -1.52
N ARG B 110 -17.92 -4.20 -1.05
CA ARG B 110 -19.05 -3.39 -0.54
C ARG B 110 -18.62 -2.50 0.63
N GLU B 111 -17.89 -3.12 1.55
CA GLU B 111 -17.43 -2.42 2.73
C GLU B 111 -16.49 -1.27 2.34
N LYS B 112 -15.60 -1.51 1.41
CA LYS B 112 -14.72 -0.44 0.94
C LYS B 112 -15.50 0.69 0.31
N LEU B 113 -16.55 0.38 -0.45
CA LEU B 113 -17.38 1.43 -1.05
C LEU B 113 -18.07 2.23 -0.01
N GLN B 114 -18.52 1.55 1.03
CA GLN B 114 -19.15 2.24 2.17
C GLN B 114 -18.23 3.28 2.82
N ALA B 115 -17.02 2.85 3.11
CA ALA B 115 -16.01 3.71 3.74
C ALA B 115 -15.64 4.82 2.79
N SER B 116 -15.59 4.53 1.47
CA SER B 116 -15.22 5.60 0.55
C SER B 116 -16.31 6.67 0.52
N LEU B 117 -17.54 6.21 0.42
CA LEU B 117 -18.68 7.18 0.36
C LEU B 117 -18.85 7.96 1.65
N LYS B 118 -18.72 7.26 2.78
CA LYS B 118 -18.77 7.92 4.10
C LYS B 118 -17.74 9.04 4.14
N ASN B 119 -16.59 8.85 3.50
CA ASN B 119 -15.54 9.91 3.50
C ASN B 119 -15.48 10.79 2.26
N ASN B 120 -16.55 10.81 1.50
CA ASN B 120 -16.68 11.74 0.38
C ASN B 120 -15.70 11.49 -0.74
N LEU B 121 -15.24 10.26 -0.87
CA LEU B 121 -14.39 9.83 -1.99
C LEU B 121 -15.19 9.31 -3.18
N LYS B 122 -14.73 9.57 -4.40
CA LYS B 122 -15.37 8.99 -5.55
C LYS B 122 -14.72 7.69 -5.88
N ALA B 123 -15.53 6.68 -6.22
CA ALA B 123 -15.09 5.33 -6.29
C ALA B 123 -15.25 4.76 -7.69
N VAL B 124 -14.20 4.10 -8.13
CA VAL B 124 -14.09 3.38 -9.40
C VAL B 124 -14.06 1.92 -9.03
N VAL B 125 -15.19 1.26 -9.28
CA VAL B 125 -15.39 -0.05 -8.77
C VAL B 125 -15.32 -1.06 -9.91
N CYS B 126 -14.38 -1.96 -9.76
CA CYS B 126 -14.02 -2.91 -10.82
C CYS B 126 -14.57 -4.34 -10.61
N PHE B 127 -14.88 -5.02 -11.70
CA PHE B 127 -15.36 -6.38 -11.64
C PHE B 127 -15.16 -7.03 -13.05
N GLY B 128 -15.36 -8.35 -13.14
CA GLY B 128 -15.14 -9.05 -14.39
C GLY B 128 -14.98 -10.53 -14.18
N GLU B 129 -15.25 -11.29 -15.23
CA GLU B 129 -15.15 -12.74 -15.18
C GLU B 129 -13.80 -13.27 -15.62
N SER B 130 -13.48 -14.48 -15.16
CA SER B 130 -12.30 -15.16 -15.61
C SER B 130 -12.48 -15.79 -17.01
N LEU B 131 -11.36 -16.20 -17.59
CA LEU B 131 -11.42 -16.96 -18.83
C LEU B 131 -12.31 -18.21 -18.70
N GLU B 132 -12.11 -18.99 -17.63
CA GLU B 132 -12.92 -20.20 -17.37
C GLU B 132 -14.42 -19.89 -17.28
N GLN B 133 -14.75 -18.85 -16.53
CA GLN B 133 -16.10 -18.41 -16.42
C GLN B 133 -16.66 -18.00 -17.75
N ARG B 134 -15.87 -17.38 -18.60
CA ARG B 134 -16.39 -16.98 -19.90
C ARG B 134 -16.60 -18.23 -20.78
N GLU B 135 -15.63 -19.14 -20.79
CA GLU B 135 -15.81 -20.37 -21.53
C GLU B 135 -17.02 -21.11 -20.98
N GLN B 136 -17.15 -21.28 -19.66
CA GLN B 136 -18.31 -21.98 -19.08
C GLN B 136 -19.68 -21.21 -19.28
N ASN B 137 -19.74 -20.23 -20.18
CA ASN B 137 -20.91 -19.37 -20.42
C ASN B 137 -21.53 -18.76 -19.14
N LYS B 138 -20.69 -18.37 -18.21
CA LYS B 138 -21.15 -17.85 -16.94
C LYS B 138 -20.91 -16.28 -16.77
N THR B 139 -20.50 -15.59 -17.85
CA THR B 139 -20.16 -14.15 -17.74
C THR B 139 -21.26 -13.32 -17.03
N ILE B 140 -22.49 -13.42 -17.49
CA ILE B 140 -23.54 -12.57 -16.93
C ILE B 140 -23.86 -12.84 -15.47
N GLU B 141 -23.95 -14.11 -15.13
CA GLU B 141 -24.10 -14.55 -13.75
C GLU B 141 -23.01 -13.95 -12.80
N VAL B 142 -21.75 -14.02 -13.23
CA VAL B 142 -20.63 -13.56 -12.42
C VAL B 142 -20.76 -12.06 -12.18
N ILE B 143 -20.88 -11.30 -13.27
CA ILE B 143 -21.00 -9.87 -13.27
C ILE B 143 -22.18 -9.42 -12.47
N THR B 144 -23.28 -10.15 -12.62
CA THR B 144 -24.49 -9.80 -11.90
C THR B 144 -24.25 -9.93 -10.43
N LYS B 145 -23.66 -11.04 -10.02
CA LYS B 145 -23.37 -11.21 -8.57
C LYS B 145 -22.39 -10.12 -8.09
N GLN B 146 -21.39 -9.79 -8.90
CA GLN B 146 -20.38 -8.81 -8.46
C GLN B 146 -20.97 -7.42 -8.31
N VAL B 147 -21.85 -7.04 -9.25
CA VAL B 147 -22.38 -5.71 -9.26
C VAL B 147 -23.41 -5.51 -8.14
N LYS B 148 -24.25 -6.51 -7.95
CA LYS B 148 -25.25 -6.47 -6.89
C LYS B 148 -24.65 -6.61 -5.50
N ALA B 149 -23.39 -6.98 -5.39
CA ALA B 149 -22.75 -6.90 -4.09
C ALA B 149 -22.66 -5.47 -3.52
N PHE B 150 -22.80 -4.44 -4.35
CA PHE B 150 -22.50 -3.05 -3.86
C PHE B 150 -23.34 -1.90 -4.40
N VAL B 151 -24.02 -2.10 -5.54
CA VAL B 151 -24.57 -1.01 -6.33
C VAL B 151 -25.73 -0.26 -5.61
N ASP B 152 -26.41 -0.93 -4.69
CA ASP B 152 -27.52 -0.26 -3.94
C ASP B 152 -26.98 0.84 -3.00
N LEU B 153 -25.72 0.73 -2.57
CA LEU B 153 -25.09 1.79 -1.77
C LEU B 153 -24.86 3.06 -2.52
N ILE B 154 -24.98 3.05 -3.83
CA ILE B 154 -24.62 4.22 -4.59
C ILE B 154 -25.67 5.31 -4.40
N ASP B 155 -25.25 6.57 -4.26
CA ASP B 155 -26.13 7.63 -3.81
C ASP B 155 -26.10 8.72 -4.86
N ASN B 156 -24.94 9.28 -5.10
CA ASN B 156 -24.76 10.22 -6.18
C ASN B 156 -24.09 9.42 -7.31
N PHE B 157 -24.72 9.41 -8.48
CA PHE B 157 -24.39 8.49 -9.57
C PHE B 157 -23.40 9.16 -10.50
N ASP B 158 -22.91 10.33 -10.12
CA ASP B 158 -21.72 10.89 -10.77
C ASP B 158 -20.41 10.46 -10.06
N ASN B 159 -20.56 10.01 -8.83
CA ASN B 159 -19.45 9.77 -7.91
C ASN B 159 -19.03 8.31 -7.73
N VAL B 160 -19.72 7.40 -8.42
CA VAL B 160 -19.33 6.00 -8.48
C VAL B 160 -19.32 5.68 -9.96
N ILE B 161 -18.21 5.07 -10.38
CA ILE B 161 -17.94 4.68 -11.77
C ILE B 161 -17.71 3.15 -11.76
N LEU B 162 -18.43 2.47 -12.63
CA LEU B 162 -18.30 1.05 -12.70
C LEU B 162 -17.31 0.73 -13.83
N VAL B 163 -16.52 -0.31 -13.65
CA VAL B 163 -15.53 -0.72 -14.66
C VAL B 163 -15.64 -2.21 -14.88
N TYR B 164 -16.00 -2.57 -16.09
CA TYR B 164 -16.02 -3.97 -16.52
C TYR B 164 -14.66 -4.27 -17.11
N GLU B 165 -13.91 -5.12 -16.44
CA GLU B 165 -12.60 -5.61 -16.93
C GLU B 165 -12.55 -7.17 -16.86
N PRO B 166 -12.83 -7.83 -18.01
CA PRO B 166 -12.68 -9.27 -18.08
C PRO B 166 -11.22 -9.64 -17.77
N LEU B 167 -11.03 -10.61 -16.87
CA LEU B 167 -9.71 -10.82 -16.30
C LEU B 167 -8.72 -11.26 -17.36
N TRP B 168 -9.23 -11.84 -18.39
CA TRP B 168 -8.45 -12.41 -19.48
C TRP B 168 -7.93 -11.31 -20.39
N ALA B 169 -8.51 -10.13 -20.23
CA ALA B 169 -8.07 -8.98 -21.05
C ALA B 169 -7.08 -8.07 -20.38
N ILE B 170 -6.88 -8.25 -19.06
CA ILE B 170 -6.10 -7.30 -18.29
C ILE B 170 -4.64 -7.62 -18.39
N GLY B 171 -3.86 -6.74 -18.99
CA GLY B 171 -2.45 -6.94 -19.07
C GLY B 171 -2.01 -8.00 -20.07
N THR B 172 -2.91 -8.53 -20.88
CA THR B 172 -2.62 -9.72 -21.75
C THR B 172 -2.54 -9.42 -23.24
N GLY B 173 -2.98 -8.22 -23.64
CA GLY B 173 -3.15 -7.85 -25.02
C GLY B 173 -4.40 -8.44 -25.66
N LYS B 174 -5.18 -9.22 -24.92
CA LYS B 174 -6.39 -9.83 -25.45
C LYS B 174 -7.68 -9.01 -25.14
N THR B 175 -7.97 -8.02 -25.92
CA THR B 175 -9.08 -7.18 -25.57
C THR B 175 -10.45 -7.66 -26.00
N ALA B 176 -11.47 -7.34 -25.21
CA ALA B 176 -12.83 -7.66 -25.65
C ALA B 176 -13.17 -7.00 -26.96
N THR B 177 -13.97 -7.64 -27.79
CA THR B 177 -14.48 -6.94 -28.92
C THR B 177 -15.51 -5.94 -28.44
N PRO B 178 -15.77 -4.92 -29.23
CA PRO B 178 -16.81 -3.91 -28.85
C PRO B 178 -18.15 -4.57 -28.54
N GLU B 179 -18.47 -5.65 -29.26
CA GLU B 179 -19.75 -6.29 -29.09
C GLU B 179 -19.74 -7.09 -27.83
N GLN B 180 -18.64 -7.75 -27.48
CA GLN B 180 -18.55 -8.51 -26.22
C GLN B 180 -18.76 -7.55 -25.07
N ALA B 181 -18.12 -6.39 -25.15
CA ALA B 181 -18.16 -5.43 -24.06
C ALA B 181 -19.57 -4.81 -23.87
N GLN B 182 -20.05 -4.27 -24.99
CA GLN B 182 -21.40 -3.67 -25.08
C GLN B 182 -22.48 -4.54 -24.48
N LEU B 183 -22.45 -5.81 -24.85
CA LEU B 183 -23.41 -6.76 -24.32
C LEU B 183 -23.37 -6.81 -22.82
N VAL B 184 -22.16 -6.83 -22.26
CA VAL B 184 -22.05 -6.81 -20.78
C VAL B 184 -22.42 -5.45 -20.18
N HIS B 185 -21.92 -4.36 -20.76
CA HIS B 185 -22.30 -3.05 -20.25
C HIS B 185 -23.84 -2.84 -20.26
N LYS B 186 -24.47 -3.26 -21.33
CA LYS B 186 -25.92 -3.11 -21.45
C LYS B 186 -26.57 -3.80 -20.28
N GLU B 187 -26.11 -5.00 -19.96
CA GLU B 187 -26.66 -5.73 -18.82
C GLU B 187 -26.34 -5.07 -17.47
N ILE B 188 -25.13 -4.56 -17.36
CA ILE B 188 -24.78 -3.85 -16.12
C ILE B 188 -25.72 -2.66 -15.90
N ARG B 189 -26.00 -1.93 -16.96
CA ARG B 189 -26.83 -0.73 -16.79
C ARG B 189 -28.27 -1.12 -16.45
N LYS B 190 -28.75 -2.18 -17.04
CA LYS B 190 -30.04 -2.76 -16.66
C LYS B 190 -30.05 -3.12 -15.15
N ILE B 191 -28.97 -3.72 -14.63
CA ILE B 191 -28.92 -4.05 -13.19
C ILE B 191 -29.00 -2.77 -12.34
N VAL B 192 -28.32 -1.71 -12.74
CA VAL B 192 -28.48 -0.41 -12.08
C VAL B 192 -29.95 0.11 -12.22
N LYS B 193 -30.54 -0.11 -13.39
CA LYS B 193 -31.90 0.39 -13.61
C LYS B 193 -32.84 -0.31 -12.65
N ASP B 194 -32.78 -1.63 -12.59
CA ASP B 194 -33.71 -2.40 -11.81
C ASP B 194 -33.48 -2.24 -10.34
N THR B 195 -32.27 -1.91 -9.92
CA THR B 195 -32.05 -1.76 -8.48
C THR B 195 -31.92 -0.32 -8.01
N CYS B 196 -31.62 0.63 -8.87
CA CYS B 196 -31.47 2.05 -8.40
C CYS B 196 -32.35 3.04 -9.07
N GLY B 197 -32.92 2.66 -10.19
CA GLY B 197 -33.81 3.55 -10.94
C GLY B 197 -33.28 3.90 -12.30
N GLU B 198 -34.16 4.41 -13.14
CA GLU B 198 -33.83 4.67 -14.52
C GLU B 198 -32.95 5.90 -14.66
N LYS B 199 -33.20 6.93 -13.87
CA LYS B 199 -32.47 8.20 -14.10
C LYS B 199 -30.99 7.98 -13.69
N GLN B 200 -30.83 7.18 -12.66
CA GLN B 200 -29.57 6.89 -12.06
C GLN B 200 -28.75 6.02 -13.05
N ALA B 201 -29.35 4.95 -13.58
CA ALA B 201 -28.71 4.06 -14.53
C ALA B 201 -28.27 4.81 -15.76
N ASN B 202 -29.03 5.84 -16.14
CA ASN B 202 -28.64 6.63 -17.31
C ASN B 202 -27.63 7.69 -16.98
N GLN B 203 -27.41 8.01 -15.72
CA GLN B 203 -26.35 8.99 -15.32
C GLN B 203 -24.96 8.26 -15.17
N ILE B 204 -24.98 7.04 -14.62
CA ILE B 204 -23.71 6.36 -14.13
C ILE B 204 -22.80 5.98 -15.29
N ARG B 205 -21.50 6.21 -15.15
CA ARG B 205 -20.48 5.78 -16.11
C ARG B 205 -20.08 4.34 -15.89
N ILE B 206 -19.96 3.62 -17.02
CA ILE B 206 -19.57 2.23 -17.02
C ILE B 206 -18.46 2.15 -18.06
N LEU B 207 -17.25 1.87 -17.62
CA LEU B 207 -16.05 1.95 -18.44
C LEU B 207 -15.70 0.54 -18.85
N TYR B 208 -14.99 0.38 -19.95
CA TYR B 208 -14.36 -0.89 -20.20
C TYR B 208 -12.87 -0.77 -19.82
N GLY B 209 -12.30 -1.84 -19.31
CA GLY B 209 -10.86 -1.97 -19.25
C GLY B 209 -10.37 -3.38 -19.59
N GLY B 210 -9.15 -3.46 -20.08
CA GLY B 210 -8.59 -4.75 -20.46
C GLY B 210 -7.93 -4.59 -21.80
N SER B 211 -6.66 -4.21 -21.76
CA SER B 211 -5.87 -3.98 -22.95
C SER B 211 -6.52 -3.01 -23.96
N VAL B 212 -7.05 -1.91 -23.42
CA VAL B 212 -7.44 -0.80 -24.26
C VAL B 212 -6.14 -0.14 -24.80
N ASN B 213 -6.12 0.24 -26.09
CA ASN B 213 -4.96 0.90 -26.72
C ASN B 213 -5.41 1.92 -27.80
N THR B 214 -4.47 2.58 -28.44
CA THR B 214 -4.77 3.64 -29.43
C THR B 214 -5.46 3.08 -30.65
N GLU B 215 -5.24 1.79 -30.95
CA GLU B 215 -5.88 1.13 -32.12
C GLU B 215 -7.31 0.74 -31.86
N ASN B 216 -7.60 0.24 -30.67
CA ASN B 216 -8.94 -0.25 -30.42
C ASN B 216 -9.84 0.73 -29.70
N CYS B 217 -9.35 1.88 -29.24
CA CYS B 217 -10.23 2.64 -28.30
C CYS B 217 -11.47 3.25 -28.98
N SER B 218 -11.29 3.69 -30.24
CA SER B 218 -12.42 4.35 -30.94
C SER B 218 -13.60 3.44 -31.10
N SER B 219 -13.39 2.19 -31.51
CA SER B 219 -14.55 1.25 -31.62
C SER B 219 -15.23 0.85 -30.34
N LEU B 220 -14.48 0.87 -29.26
CA LEU B 220 -15.06 0.59 -28.01
C LEU B 220 -15.94 1.74 -27.54
N ILE B 221 -15.44 2.96 -27.56
CA ILE B 221 -16.12 4.08 -26.96
C ILE B 221 -17.38 4.42 -27.79
N GLN B 222 -17.31 4.08 -29.08
CA GLN B 222 -18.46 4.28 -29.95
C GLN B 222 -19.65 3.51 -29.42
N GLN B 223 -19.43 2.40 -28.76
CA GLN B 223 -20.57 1.61 -28.32
C GLN B 223 -21.40 2.42 -27.33
N GLU B 224 -22.71 2.21 -27.35
CA GLU B 224 -23.58 3.13 -26.59
C GLU B 224 -23.47 3.03 -25.09
N ASP B 225 -23.14 1.86 -24.52
CA ASP B 225 -23.12 1.78 -23.08
C ASP B 225 -21.71 1.75 -22.51
N ILE B 226 -20.75 2.11 -23.35
CA ILE B 226 -19.33 2.19 -22.95
C ILE B 226 -18.97 3.66 -22.82
N ASP B 227 -18.63 4.09 -21.59
CA ASP B 227 -18.48 5.49 -21.26
C ASP B 227 -17.06 5.96 -21.03
N GLY B 228 -16.09 5.12 -21.43
CA GLY B 228 -14.67 5.45 -21.26
C GLY B 228 -13.96 4.20 -20.77
N PHE B 229 -12.80 4.38 -20.14
CA PHE B 229 -11.86 3.29 -20.00
C PHE B 229 -11.02 3.40 -18.75
N LEU B 230 -10.61 2.26 -18.23
CA LEU B 230 -9.50 2.17 -17.29
C LEU B 230 -8.32 1.52 -18.04
N VAL B 231 -7.22 2.23 -18.13
CA VAL B 231 -6.13 1.92 -19.01
C VAL B 231 -4.83 1.71 -18.28
N GLY B 232 -4.30 0.50 -18.45
CA GLY B 232 -3.08 0.11 -17.76
C GLY B 232 -1.83 0.36 -18.57
N ASN B 233 -1.39 -0.68 -19.26
CA ASN B 233 -0.13 -0.59 -20.06
C ASN B 233 -0.07 0.57 -21.02
N ALA B 234 -1.16 0.79 -21.72
CA ALA B 234 -1.16 1.88 -22.66
C ALA B 234 -1.06 3.22 -22.00
N SER B 235 -1.31 3.32 -20.68
CA SER B 235 -1.29 4.64 -20.00
C SER B 235 0.09 5.06 -19.59
N LEU B 236 1.07 4.21 -19.85
CA LEU B 236 2.43 4.50 -19.50
C LEU B 236 3.17 5.19 -20.67
N LYS B 237 2.54 5.39 -21.79
CA LYS B 237 3.20 5.93 -22.94
C LYS B 237 2.58 7.25 -23.22
N GLU B 238 3.32 8.10 -23.87
CA GLU B 238 2.83 9.39 -24.32
C GLU B 238 1.64 9.36 -25.24
N SER B 239 1.45 8.27 -25.98
CA SER B 239 0.28 8.15 -26.88
C SER B 239 -1.02 7.88 -26.17
N PHE B 240 -0.97 7.71 -24.85
CA PHE B 240 -2.18 7.75 -24.07
C PHE B 240 -3.01 8.95 -24.43
N VAL B 241 -2.38 10.08 -24.77
CA VAL B 241 -3.17 11.28 -25.19
C VAL B 241 -4.21 10.99 -26.30
N ASP B 242 -3.88 10.05 -27.21
CA ASP B 242 -4.80 9.66 -28.27
C ASP B 242 -5.94 8.83 -27.78
N ILE B 243 -5.75 8.09 -26.68
CA ILE B 243 -6.88 7.43 -26.03
C ILE B 243 -7.78 8.45 -25.41
N ILE B 244 -7.20 9.48 -24.79
CA ILE B 244 -8.04 10.50 -24.22
C ILE B 244 -8.83 11.15 -25.37
N LYS B 245 -8.16 11.43 -26.48
CA LYS B 245 -8.85 12.14 -27.58
C LYS B 245 -10.06 11.36 -28.14
N SER B 246 -9.95 10.05 -28.15
CA SER B 246 -11.07 9.20 -28.56
C SER B 246 -12.28 9.49 -27.79
N ALA B 247 -12.17 10.09 -26.62
CA ALA B 247 -13.37 10.33 -25.79
C ALA B 247 -13.76 11.82 -25.79
N MET B 248 -13.10 12.62 -26.61
CA MET B 248 -13.34 14.03 -26.61
C MET B 248 -14.38 14.35 -27.66
P PGA C . 2.84 -1.07 19.52
O1P PGA C . 3.15 -1.41 17.98
O2P PGA C . 1.64 -0.16 19.52
O3P PGA C . 4.05 -0.26 19.97
O4P PGA C . 2.82 -2.38 20.22
C2 PGA C . 4.44 -1.88 17.62
C1 PGA C . 4.64 -2.06 16.14
O1 PGA C . 3.73 -1.58 15.40
O2 PGA C . 5.66 -2.68 15.69
C1 EDO D . 17.16 14.49 4.91
O1 EDO D . 17.27 13.12 4.50
C2 EDO D . 16.18 15.37 4.17
O2 EDO D . 15.37 16.03 5.14
C1 EDO E . 5.76 -11.46 35.52
O1 EDO E . 6.12 -10.10 35.85
C2 EDO E . 6.06 -11.76 34.03
O2 EDO E . 6.26 -13.15 33.73
C1 EDO F . -0.20 0.94 -1.19
O1 EDO F . 1.16 0.97 -1.63
C2 EDO F . -0.38 1.99 -0.08
O2 EDO F . 0.08 1.58 1.23
C1 EDO G . 22.14 0.71 28.37
O1 EDO G . 22.10 0.62 26.97
C2 EDO G . 21.45 2.01 28.78
O2 EDO G . 20.37 1.67 29.65
C1 EDO H . 16.54 3.65 -9.25
O1 EDO H . 17.47 4.40 -8.47
C2 EDO H . 16.26 2.38 -8.48
O2 EDO H . 15.04 1.86 -8.88
C1 EDO I . 1.18 13.27 24.35
O1 EDO I . 2.59 13.18 24.66
C2 EDO I . 0.99 14.38 23.33
O2 EDO I . 0.61 13.91 22.04
C1 EDO J . -0.23 11.27 13.47
O1 EDO J . 0.52 12.42 13.81
C2 EDO J . 0.58 9.98 13.23
O2 EDO J . 1.07 9.87 11.91
P PGA K . -4.31 -3.04 -19.18
O1P PGA K . -4.54 -2.83 -17.59
O2P PGA K . -4.81 -1.80 -19.96
O3P PGA K . -5.06 -4.28 -19.56
O4P PGA K . -2.82 -3.19 -19.35
C2 PGA K . -5.90 -2.50 -17.22
C1 PGA K . -5.93 -2.15 -15.76
O1 PGA K . -7.00 -1.77 -15.27
O2 PGA K . -4.88 -2.13 -15.06
C1 EDO L . 6.03 6.04 -25.33
O1 EDO L . 6.25 7.15 -24.44
C2 EDO L . 5.66 6.48 -26.75
O2 EDO L . 4.23 6.66 -27.02
C1 EDO M . -17.95 -10.63 -30.68
O1 EDO M . -16.86 -11.45 -30.23
C2 EDO M . -17.38 -9.56 -31.57
O2 EDO M . -18.03 -9.21 -32.76
C1 EDO N . -8.28 18.33 -9.15
O1 EDO N . -7.44 19.34 -9.73
C2 EDO N . -9.74 18.49 -9.60
O2 EDO N . -9.93 18.04 -10.94
C1 EDO O . -0.04 -9.09 -28.45
O1 EDO O . 1.29 -9.58 -28.66
C2 EDO O . -0.92 -10.31 -28.41
O2 EDO O . -1.45 -10.54 -27.10
#